data_7FAG
#
_entry.id   7FAG
#
_cell.length_a   51.209
_cell.length_b   58.116
_cell.length_c   75.338
_cell.angle_alpha   90.00
_cell.angle_beta   90.00
_cell.angle_gamma   90.00
#
_symmetry.space_group_name_H-M   'P 21 21 21'
#
loop_
_entity.id
_entity.type
_entity.pdbx_description
1 polymer 'Chymotrypsin-like elastase family member 1'
2 non-polymer 'CALCIUM ION'
3 non-polymer 'SULFATE ION'
4 non-polymer 'SULFITE ION'
5 water water
#
_entity_poly.entity_id   1
_entity_poly.type   'polypeptide(L)'
_entity_poly.pdbx_seq_one_letter_code
;VVGGTEAQRNSWPSQISLQYRSGSSWAHTCGGTLIRQNWVMTAAHCVDRELTFRVVVGEHNLNQNDGTEQYVGVQKIVVH
PYWNTDDVAAGYDIALLRLAQSVTLNSYVQLGVLPRAGTILANNSPCYITGWGLTRTNGQLAQTLQQAYLPTVDYAICSS
SSYWGSTVKNSMVCAGGDGVRSGCQGDSGGPLHCLVNGQYAVHGVTSFVSRLGCNVTRKPTVFTRVSAYISWINNVIASN
;
_entity_poly.pdbx_strand_id   A
#
loop_
_chem_comp.id
_chem_comp.type
_chem_comp.name
_chem_comp.formula
CA non-polymer 'CALCIUM ION' 'Ca 2'
SO3 non-polymer 'SULFITE ION' 'O3 S -2'
SO4 non-polymer 'SULFATE ION' 'O4 S -2'
#
# COMPACT_ATOMS: atom_id res chain seq x y z
N VAL A 1 4.34 -9.94 0.49
CA VAL A 1 5.75 -9.48 0.41
C VAL A 1 6.62 -10.75 0.23
N VAL A 2 7.37 -10.78 -0.88
CA VAL A 2 8.38 -11.81 -1.14
C VAL A 2 9.70 -11.36 -0.52
N GLY A 3 10.38 -12.30 0.13
CA GLY A 3 11.70 -12.01 0.71
C GLY A 3 11.67 -11.05 1.89
N GLY A 4 10.57 -10.95 2.63
N GLY A 4 10.54 -11.07 2.61
CA GLY A 4 10.52 -10.04 3.78
CA GLY A 4 10.26 -10.27 3.79
C GLY A 4 11.10 -10.65 5.02
C GLY A 4 10.67 -10.94 5.06
N THR A 5 10.99 -9.87 6.09
N THR A 5 10.61 -10.16 6.12
CA THR A 5 11.18 -10.29 7.48
CA THR A 5 10.80 -10.66 7.48
C THR A 5 9.90 -9.94 8.25
C THR A 5 9.54 -10.26 8.25
N GLU A 6 9.65 -10.62 9.35
N GLU A 6 9.28 -10.87 9.40
CA GLU A 6 8.46 -10.35 10.15
CA GLU A 6 8.14 -10.45 10.23
C GLU A 6 8.63 -8.96 10.77
C GLU A 6 8.48 -9.11 10.89
N ALA A 7 7.57 -8.19 10.68
CA ALA A 7 7.59 -6.82 11.26
C ALA A 7 7.33 -6.95 12.80
N GLN A 8 7.96 -6.09 13.61
N GLN A 8 7.96 -6.09 13.60
CA GLN A 8 7.57 -5.97 15.05
CA GLN A 8 7.60 -5.96 15.04
C GLN A 8 6.13 -5.48 15.08
C GLN A 8 6.15 -5.47 15.08
N ARG A 9 5.44 -5.78 16.18
CA ARG A 9 4.03 -5.44 16.41
C ARG A 9 3.76 -3.94 16.34
N ASN A 10 4.70 -3.09 16.72
CA ASN A 10 4.39 -1.64 16.82
C ASN A 10 5.21 -0.84 15.81
N SER A 11 5.78 -1.40 14.79
N SER A 11 5.78 -1.40 14.80
CA SER A 11 6.65 -0.70 13.83
CA SER A 11 6.68 -0.68 13.88
C SER A 11 5.87 0.17 12.86
C SER A 11 5.90 0.15 12.85
N TRP A 12 4.72 -0.32 12.40
CA TRP A 12 4.03 0.29 11.24
C TRP A 12 2.58 0.52 11.57
N PRO A 13 2.29 1.40 12.55
CA PRO A 13 0.94 1.48 13.11
C PRO A 13 -0.08 2.10 12.19
N SER A 14 0.30 2.64 11.02
CA SER A 14 -0.69 3.17 10.04
C SER A 14 -1.14 2.11 9.07
N GLN A 15 -0.55 0.91 9.08
CA GLN A 15 -0.96 -0.14 8.18
C GLN A 15 -2.31 -0.69 8.57
N ILE A 16 -3.18 -0.87 7.59
CA ILE A 16 -4.49 -1.52 7.80
C ILE A 16 -4.62 -2.74 6.91
N SER A 17 -5.51 -3.63 7.27
CA SER A 17 -5.97 -4.75 6.42
C SER A 17 -7.36 -4.42 5.90
N LEU A 18 -7.51 -4.44 4.60
CA LEU A 18 -8.81 -4.22 3.92
C LEU A 18 -9.35 -5.63 3.62
N GLN A 19 -10.54 -5.93 4.12
CA GLN A 19 -11.12 -7.27 4.09
C GLN A 19 -12.50 -7.20 3.43
N TYR A 20 -12.88 -8.29 2.77
CA TYR A 20 -14.24 -8.35 2.20
C TYR A 20 -14.97 -9.54 2.81
N ARG A 21 -16.28 -9.47 2.80
CA ARG A 21 -17.11 -10.55 3.38
C ARG A 21 -17.19 -11.68 2.38
N SER A 22 -16.91 -12.90 2.84
CA SER A 22 -16.83 -14.13 2.04
C SER A 22 -17.66 -15.16 2.80
N GLY A 23 -18.93 -15.30 2.40
CA GLY A 23 -19.93 -16.14 3.08
C GLY A 23 -20.09 -15.70 4.51
N SER A 24 -19.58 -16.53 5.43
CA SER A 24 -19.72 -16.36 6.89
C SER A 24 -18.43 -15.75 7.46
N SER A 25 -17.46 -15.48 6.61
CA SER A 25 -16.15 -15.04 7.12
C SER A 25 -15.65 -13.79 6.37
N TRP A 26 -14.54 -13.28 6.80
CA TRP A 26 -13.89 -12.08 6.23
C TRP A 26 -12.56 -12.52 5.67
N ALA A 27 -12.20 -12.03 4.52
CA ALA A 27 -10.94 -12.39 3.84
C ALA A 27 -10.14 -11.10 3.58
N HIS A 28 -8.84 -11.14 3.92
CA HIS A 28 -7.93 -10.04 3.56
C HIS A 28 -7.80 -10.00 2.05
N THR A 29 -7.90 -8.80 1.47
CA THR A 29 -7.66 -8.64 0.03
C THR A 29 -6.57 -7.58 -0.25
N CYS A 30 -6.40 -6.55 0.55
CA CYS A 30 -5.48 -5.47 0.25
C CYS A 30 -5.02 -4.83 1.54
N GLY A 31 -3.93 -4.09 1.40
CA GLY A 31 -3.51 -3.16 2.46
C GLY A 31 -4.10 -1.77 2.26
N GLY A 32 -3.77 -0.90 3.17
CA GLY A 32 -4.08 0.50 3.14
C GLY A 32 -3.33 1.25 4.22
N THR A 33 -3.50 2.55 4.25
CA THR A 33 -2.88 3.45 5.23
C THR A 33 -3.97 4.27 5.89
N LEU A 34 -3.96 4.29 7.22
CA LEU A 34 -4.88 5.16 7.98
C LEU A 34 -4.30 6.59 7.87
N ILE A 35 -5.08 7.51 7.32
CA ILE A 35 -4.61 8.90 7.13
C ILE A 35 -5.38 9.90 7.98
N ARG A 36 -6.57 9.56 8.44
CA ARG A 36 -7.31 10.34 9.45
C ARG A 36 -7.95 9.31 10.34
N GLN A 37 -8.56 9.72 11.46
CA GLN A 37 -9.20 8.73 12.32
C GLN A 37 -10.36 8.04 11.60
N ASN A 38 -10.94 8.69 10.58
CA ASN A 38 -12.04 8.08 9.80
C ASN A 38 -11.76 8.00 8.32
N TRP A 39 -10.50 7.99 7.87
CA TRP A 39 -10.19 7.85 6.43
C TRP A 39 -8.99 6.94 6.23
N VAL A 40 -9.12 6.08 5.24
CA VAL A 40 -8.06 5.17 4.80
C VAL A 40 -7.76 5.44 3.34
N MET A 41 -6.49 5.42 3.00
CA MET A 41 -5.98 5.49 1.64
C MET A 41 -5.61 4.09 1.17
N THR A 42 -6.07 3.70 -0.02
CA THR A 42 -5.77 2.39 -0.59
C THR A 42 -5.72 2.54 -2.12
N ALA A 43 -5.55 1.45 -2.80
CA ALA A 43 -5.54 1.42 -4.28
C ALA A 43 -6.98 1.36 -4.80
N ALA A 44 -7.27 2.11 -5.86
CA ALA A 44 -8.57 1.99 -6.54
C ALA A 44 -8.86 0.55 -6.96
N HIS A 45 -7.88 -0.14 -7.48
CA HIS A 45 -8.15 -1.49 -8.01
C HIS A 45 -8.63 -2.40 -6.90
N CYS A 46 -8.30 -2.14 -5.66
CA CYS A 46 -8.73 -3.01 -4.55
C CYS A 46 -10.25 -2.93 -4.29
N VAL A 47 -10.88 -1.86 -4.76
CA VAL A 47 -12.31 -1.65 -4.47
C VAL A 47 -13.11 -1.60 -5.80
N ASP A 48 -12.65 -2.20 -6.94
CA ASP A 48 -13.42 -2.24 -8.24
C ASP A 48 -14.59 -3.23 -7.95
N ARG A 49 -14.41 -4.35 -7.21
CA ARG A 49 -15.55 -5.26 -6.96
C ARG A 49 -16.53 -4.62 -5.97
N GLU A 50 -17.82 -4.83 -6.23
CA GLU A 50 -18.90 -4.31 -5.37
C GLU A 50 -19.21 -5.29 -4.23
N LEU A 51 -18.25 -5.38 -3.34
CA LEU A 51 -18.26 -6.27 -2.17
C LEU A 51 -18.52 -5.43 -0.93
N THR A 52 -18.77 -6.12 0.15
CA THR A 52 -18.84 -5.51 1.47
C THR A 52 -17.42 -5.48 2.04
N PHE A 53 -16.91 -4.32 2.37
CA PHE A 53 -15.53 -4.16 2.90
C PHE A 53 -15.58 -3.73 4.35
N ARG A 54 -14.55 -4.15 5.08
CA ARG A 54 -14.25 -3.60 6.40
C ARG A 54 -12.75 -3.38 6.48
N VAL A 55 -12.39 -2.54 7.41
CA VAL A 55 -10.97 -2.24 7.72
C VAL A 55 -10.65 -2.76 9.10
N VAL A 56 -9.47 -3.33 9.22
CA VAL A 56 -8.94 -3.71 10.54
C VAL A 56 -7.69 -2.91 10.82
N VAL A 57 -7.70 -2.17 11.91
CA VAL A 57 -6.51 -1.43 12.38
C VAL A 57 -5.94 -2.19 13.59
N GLY A 58 -4.68 -1.98 13.88
CA GLY A 58 -4.09 -2.68 15.03
C GLY A 58 -3.91 -4.18 14.81
N GLU A 59 -3.85 -4.59 13.56
CA GLU A 59 -3.72 -6.00 13.19
C GLU A 59 -2.26 -6.36 13.06
N HIS A 60 -1.92 -7.57 13.48
CA HIS A 60 -0.58 -8.15 13.31
C HIS A 60 -0.70 -9.55 12.68
N ASN A 61 -1.46 -10.44 13.32
CA ASN A 61 -1.66 -11.83 12.86
C ASN A 61 -3.08 -11.92 12.32
N LEU A 62 -3.27 -12.19 11.04
CA LEU A 62 -4.64 -12.24 10.49
C LEU A 62 -5.53 -13.32 11.11
N ASN A 63 -4.92 -14.35 11.65
CA ASN A 63 -5.60 -15.60 12.03
C ASN A 63 -5.65 -15.77 13.54
N GLN A 64 -5.15 -14.83 14.35
CA GLN A 64 -5.16 -14.94 15.82
C GLN A 64 -5.60 -13.62 16.41
N ASN A 65 -6.14 -13.68 17.61
CA ASN A 65 -6.50 -12.47 18.36
C ASN A 65 -5.21 -11.88 18.92
N ASP A 66 -4.91 -10.64 18.56
CA ASP A 66 -3.71 -9.95 19.01
C ASP A 66 -4.01 -9.12 20.27
N GLY A 67 -5.28 -8.81 20.51
CA GLY A 67 -5.75 -7.99 21.64
C GLY A 67 -5.59 -6.51 21.36
N THR A 68 -5.40 -6.12 20.10
CA THR A 68 -5.13 -4.72 19.70
C THR A 68 -6.04 -4.28 18.54
N GLU A 69 -6.81 -5.19 17.97
CA GLU A 69 -7.54 -4.90 16.70
C GLU A 69 -8.75 -4.04 16.99
N GLN A 70 -9.07 -3.17 16.04
CA GLN A 70 -10.40 -2.52 15.93
C GLN A 70 -10.91 -2.79 14.53
N TYR A 71 -12.16 -3.14 14.44
CA TYR A 71 -12.83 -3.57 13.21
C TYR A 71 -13.85 -2.50 12.88
N VAL A 72 -13.81 -1.96 11.68
N VAL A 72 -13.79 -1.93 11.69
CA VAL A 72 -14.73 -0.83 11.32
CA VAL A 72 -14.67 -0.78 11.29
C VAL A 72 -15.21 -0.96 9.89
C VAL A 72 -15.20 -0.96 9.88
N GLY A 73 -16.49 -0.72 9.70
CA GLY A 73 -17.04 -0.75 8.35
C GLY A 73 -16.62 0.42 7.48
N VAL A 74 -16.79 0.21 6.18
CA VAL A 74 -16.52 1.25 5.16
C VAL A 74 -17.86 1.87 4.79
N GLN A 75 -17.99 3.17 4.98
CA GLN A 75 -19.24 3.90 4.75
C GLN A 75 -19.28 4.54 3.35
N LYS A 76 -18.15 4.99 2.80
CA LYS A 76 -18.10 5.65 1.48
C LYS A 76 -16.78 5.31 0.83
N ILE A 77 -16.83 5.06 -0.44
CA ILE A 77 -15.64 4.79 -1.27
C ILE A 77 -15.54 5.92 -2.29
N VAL A 78 -14.40 6.61 -2.28
CA VAL A 78 -14.14 7.69 -3.25
C VAL A 78 -12.94 7.27 -4.08
N VAL A 79 -13.18 6.85 -5.30
CA VAL A 79 -12.10 6.45 -6.24
C VAL A 79 -11.65 7.69 -7.01
N HIS A 80 -10.41 7.73 -7.41
CA HIS A 80 -9.94 8.87 -8.20
C HIS A 80 -10.80 8.91 -9.47
N PRO A 81 -11.29 10.10 -9.88
CA PRO A 81 -12.17 10.18 -11.06
C PRO A 81 -11.56 9.74 -12.37
N TYR A 82 -10.23 9.71 -12.46
CA TYR A 82 -9.55 9.30 -13.71
C TYR A 82 -9.18 7.82 -13.72
N TRP A 83 -9.40 7.10 -12.62
CA TRP A 83 -9.10 5.65 -12.56
C TRP A 83 -9.89 4.90 -13.63
N ASN A 84 -9.21 4.07 -14.36
CA ASN A 84 -9.80 3.18 -15.36
C ASN A 84 -9.32 1.76 -15.06
N THR A 85 -10.26 0.92 -14.61
N THR A 85 -10.23 0.88 -14.66
CA THR A 85 -10.07 -0.51 -14.26
CA THR A 85 -9.87 -0.49 -14.21
C THR A 85 -9.30 -1.26 -15.35
C THR A 85 -9.25 -1.29 -15.37
N ASP A 86 -9.55 -0.93 -16.62
CA ASP A 86 -8.95 -1.60 -17.79
C ASP A 86 -7.55 -1.09 -18.14
N ASP A 87 -7.04 -0.06 -17.45
CA ASP A 87 -5.73 0.57 -17.76
C ASP A 87 -5.00 0.92 -16.46
N VAL A 88 -4.47 -0.07 -15.74
CA VAL A 88 -3.71 0.19 -14.49
C VAL A 88 -2.44 1.01 -14.83
N ALA A 89 -1.81 0.82 -16.00
CA ALA A 89 -0.59 1.53 -16.42
C ALA A 89 -0.87 3.01 -16.66
N ALA A 90 -2.12 3.46 -16.76
CA ALA A 90 -2.41 4.90 -16.89
C ALA A 90 -2.24 5.64 -15.57
N GLY A 91 -2.22 4.89 -14.49
CA GLY A 91 -2.10 5.44 -13.14
C GLY A 91 -3.44 5.74 -12.51
N TYR A 92 -3.43 6.69 -11.57
CA TYR A 92 -4.63 7.07 -10.79
C TYR A 92 -5.12 5.90 -9.93
N ASP A 93 -4.23 4.97 -9.53
CA ASP A 93 -4.64 3.78 -8.73
C ASP A 93 -4.63 4.22 -7.26
N ILE A 94 -5.67 4.94 -6.87
CA ILE A 94 -5.78 5.51 -5.52
C ILE A 94 -7.25 5.69 -5.20
N ALA A 95 -7.60 5.41 -3.97
CA ALA A 95 -8.98 5.58 -3.46
C ALA A 95 -8.95 5.92 -1.99
N LEU A 96 -9.95 6.64 -1.56
CA LEU A 96 -10.10 7.00 -0.14
C LEU A 96 -11.39 6.38 0.38
N LEU A 97 -11.30 5.79 1.56
CA LEU A 97 -12.42 5.13 2.22
C LEU A 97 -12.76 5.90 3.47
N ARG A 98 -14.02 6.33 3.55
CA ARG A 98 -14.52 6.93 4.78
C ARG A 98 -15.04 5.80 5.66
N LEU A 99 -14.57 5.73 6.90
CA LEU A 99 -14.95 4.69 7.83
C LEU A 99 -16.26 5.07 8.55
N ALA A 100 -16.99 4.05 8.95
CA ALA A 100 -18.30 4.24 9.59
C ALA A 100 -18.15 4.91 10.95
N GLN A 101 -17.02 4.70 11.64
CA GLN A 101 -16.71 5.42 12.90
C GLN A 101 -15.23 5.74 12.92
N SER A 102 -14.88 6.70 13.74
CA SER A 102 -13.49 7.06 14.06
C SER A 102 -12.85 5.95 14.89
N VAL A 103 -11.64 5.59 14.50
CA VAL A 103 -10.87 4.63 15.32
C VAL A 103 -10.20 5.37 16.46
N THR A 104 -9.79 4.62 17.45
CA THR A 104 -9.07 5.13 18.63
C THR A 104 -7.57 5.00 18.39
N LEU A 105 -6.82 6.08 18.51
CA LEU A 105 -5.37 6.06 18.32
C LEU A 105 -4.68 5.54 19.57
N ASN A 106 -3.61 4.78 19.39
CA ASN A 106 -2.77 4.21 20.48
C ASN A 106 -1.44 3.77 19.90
N SER A 107 -0.58 3.04 20.61
CA SER A 107 0.76 2.68 20.06
C SER A 107 0.61 1.72 18.85
N TYR A 108 -0.57 1.13 18.63
CA TYR A 108 -0.77 0.17 17.51
C TYR A 108 -1.57 0.79 16.36
N VAL A 109 -2.08 1.99 16.54
CA VAL A 109 -3.01 2.63 15.58
C VAL A 109 -2.62 4.11 15.55
N GLN A 110 -1.95 4.51 14.46
CA GLN A 110 -1.50 5.89 14.29
C GLN A 110 -1.75 6.31 12.86
N LEU A 111 -1.82 7.61 12.67
CA LEU A 111 -1.96 8.16 11.30
C LEU A 111 -0.63 8.07 10.55
N GLY A 112 -0.72 7.75 9.27
CA GLY A 112 0.43 7.83 8.39
C GLY A 112 0.74 9.27 8.03
N VAL A 113 2.02 9.50 7.91
CA VAL A 113 2.54 10.83 7.55
C VAL A 113 2.63 10.91 6.04
N LEU A 114 1.99 11.90 5.45
CA LEU A 114 2.03 12.06 3.98
C LEU A 114 3.13 13.04 3.62
N PRO A 115 3.76 12.83 2.44
CA PRO A 115 4.78 13.76 1.97
C PRO A 115 4.17 15.08 1.54
N ARG A 116 5.03 16.08 1.43
CA ARG A 116 4.67 17.36 0.83
C ARG A 116 4.40 17.13 -0.65
N ALA A 117 3.45 17.87 -1.16
CA ALA A 117 3.07 17.81 -2.58
C ALA A 117 4.28 17.98 -3.48
N GLY A 118 4.41 17.14 -4.51
CA GLY A 118 5.46 17.24 -5.53
C GLY A 118 6.78 16.61 -5.17
N THR A 119 6.92 16.08 -3.93
CA THR A 119 8.23 15.54 -3.48
C THR A 119 8.60 14.32 -4.29
N ILE A 120 9.81 14.28 -4.82
CA ILE A 120 10.38 13.14 -5.58
C ILE A 120 11.62 12.72 -4.82
N LEU A 121 11.72 11.42 -4.60
N LEU A 121 11.73 11.45 -4.49
CA LEU A 121 12.85 10.73 -3.91
CA LEU A 121 12.95 10.96 -3.81
C LEU A 121 14.05 10.58 -4.84
C LEU A 121 14.05 10.67 -4.82
N ALA A 122 15.27 10.80 -4.34
CA ALA A 122 16.48 10.42 -5.08
C ALA A 122 16.47 8.92 -5.36
N ASN A 123 17.18 8.50 -6.39
CA ASN A 123 17.43 7.09 -6.67
C ASN A 123 18.03 6.46 -5.40
N ASN A 124 17.62 5.23 -5.14
CA ASN A 124 18.16 4.38 -4.08
C ASN A 124 17.85 4.96 -2.71
N SER A 125 16.70 5.60 -2.58
CA SER A 125 16.26 6.12 -1.25
C SER A 125 15.73 4.96 -0.42
N PRO A 126 15.99 4.99 0.91
CA PRO A 126 15.60 3.88 1.78
C PRO A 126 14.12 3.87 2.10
N CYS A 127 13.48 2.75 1.73
CA CYS A 127 12.04 2.56 1.92
C CYS A 127 11.80 1.12 2.32
N TYR A 128 10.68 0.88 2.97
CA TYR A 128 10.19 -0.45 3.31
C TYR A 128 8.79 -0.62 2.74
N ILE A 129 8.51 -1.77 2.19
CA ILE A 129 7.12 -2.19 1.88
C ILE A 129 6.65 -3.06 3.05
N THR A 130 5.36 -2.94 3.39
CA THR A 130 4.75 -3.80 4.40
C THR A 130 3.46 -4.40 3.86
N GLY A 131 3.14 -5.60 4.34
CA GLY A 131 1.85 -6.18 3.98
C GLY A 131 1.74 -7.64 4.36
N TRP A 132 0.53 -8.14 4.16
CA TRP A 132 0.15 -9.55 4.38
C TRP A 132 0.04 -10.35 3.08
N GLY A 133 0.53 -9.74 1.99
CA GLY A 133 0.37 -10.36 0.66
C GLY A 133 1.20 -11.64 0.52
N LEU A 134 1.06 -12.27 -0.63
CA LEU A 134 1.73 -13.56 -0.89
C LEU A 134 3.23 -13.46 -0.60
N THR A 135 3.78 -14.54 -0.09
CA THR A 135 5.21 -14.56 0.27
C THR A 135 6.03 -15.22 -0.82
N ARG A 136 5.39 -15.71 -1.90
CA ARG A 136 6.06 -16.23 -3.11
C ARG A 136 5.06 -15.97 -4.22
N THR A 137 5.58 -15.86 -5.42
CA THR A 137 4.71 -15.83 -6.61
C THR A 137 3.80 -17.07 -6.59
N ASN A 138 2.50 -16.85 -6.78
CA ASN A 138 1.53 -17.98 -6.77
C ASN A 138 1.63 -18.80 -5.48
N GLY A 139 1.96 -18.14 -4.37
CA GLY A 139 1.98 -18.74 -3.04
C GLY A 139 0.77 -18.41 -2.20
N GLN A 140 0.99 -18.21 -0.94
CA GLN A 140 -0.11 -17.95 0.00
C GLN A 140 0.17 -16.69 0.81
N LEU A 141 -0.92 -16.09 1.30
CA LEU A 141 -0.83 -14.92 2.15
C LEU A 141 0.07 -15.19 3.35
N ALA A 142 0.66 -14.16 3.89
CA ALA A 142 1.36 -14.20 5.19
C ALA A 142 0.32 -14.23 6.30
N GLN A 143 0.65 -14.87 7.41
CA GLN A 143 -0.20 -14.75 8.62
C GLN A 143 0.14 -13.51 9.40
N THR A 144 1.43 -13.16 9.48
CA THR A 144 1.90 -12.00 10.24
C THR A 144 2.42 -10.95 9.28
N LEU A 145 2.32 -9.70 9.68
CA LEU A 145 2.76 -8.58 8.82
C LEU A 145 4.24 -8.73 8.48
N GLN A 146 4.55 -8.62 7.22
CA GLN A 146 5.90 -8.69 6.71
C GLN A 146 6.41 -7.32 6.26
N GLN A 147 7.72 -7.17 6.26
CA GLN A 147 8.37 -5.95 5.75
C GLN A 147 9.49 -6.38 4.85
N ALA A 148 9.81 -5.58 3.87
CA ALA A 148 11.03 -5.78 3.07
C ALA A 148 11.61 -4.42 2.73
N TYR A 149 12.94 -4.36 2.73
CA TYR A 149 13.69 -3.17 2.36
C TYR A 149 13.68 -3.12 0.84
N LEU A 150 13.24 -1.98 0.32
N LEU A 150 13.01 -2.10 0.25
CA LEU A 150 12.86 -1.83 -1.09
CA LEU A 150 12.93 -1.86 -1.23
C LEU A 150 13.31 -0.44 -1.54
C LEU A 150 13.36 -0.43 -1.48
N PRO A 151 14.60 -0.21 -1.82
CA PRO A 151 15.03 1.13 -2.18
C PRO A 151 14.47 1.56 -3.54
N THR A 152 14.26 2.88 -3.65
CA THR A 152 13.65 3.42 -4.86
C THR A 152 14.53 3.26 -6.09
N VAL A 153 13.88 3.20 -7.24
CA VAL A 153 14.49 3.25 -8.59
C VAL A 153 13.86 4.46 -9.25
N ASP A 154 14.67 5.43 -9.61
CA ASP A 154 14.12 6.69 -10.11
C ASP A 154 13.46 6.48 -11.46
N TYR A 155 12.66 7.47 -11.82
CA TYR A 155 11.82 7.43 -13.04
C TYR A 155 12.68 7.19 -14.28
N ALA A 156 13.84 7.82 -14.37
CA ALA A 156 14.65 7.67 -15.60
C ALA A 156 15.07 6.21 -15.80
N ILE A 157 15.43 5.54 -14.72
CA ILE A 157 15.88 4.14 -14.79
C ILE A 157 14.64 3.26 -14.96
N CYS A 158 13.60 3.51 -14.17
CA CYS A 158 12.45 2.62 -14.14
C CYS A 158 11.74 2.60 -15.50
N SER A 159 11.68 3.72 -16.17
CA SER A 159 10.99 3.89 -17.47
C SER A 159 11.92 3.51 -18.62
N SER A 160 13.11 3.04 -18.34
CA SER A 160 14.01 2.61 -19.42
C SER A 160 13.58 1.25 -19.96
N SER A 161 13.99 0.89 -21.16
CA SER A 161 13.39 -0.28 -21.82
C SER A 161 13.70 -1.57 -21.03
N SER A 162 14.81 -1.69 -20.32
CA SER A 162 15.22 -2.99 -19.67
C SER A 162 14.50 -3.10 -18.31
N TYR A 163 13.82 -2.05 -17.87
CA TYR A 163 12.95 -2.06 -16.65
C TYR A 163 11.49 -2.16 -17.10
N TRP A 164 10.71 -1.12 -16.86
CA TRP A 164 9.27 -1.12 -17.19
C TRP A 164 8.95 -0.37 -18.49
N GLY A 165 9.88 0.36 -19.07
CA GLY A 165 9.56 1.16 -20.27
C GLY A 165 8.37 2.07 -20.06
N SER A 166 7.52 2.24 -21.05
CA SER A 166 6.45 3.25 -21.06
C SER A 166 5.30 2.88 -20.10
N THR A 167 5.31 1.66 -19.55
CA THR A 167 4.28 1.23 -18.62
C THR A 167 4.29 2.10 -17.37
N VAL A 168 5.47 2.50 -16.91
N VAL A 168 5.46 2.56 -16.93
CA VAL A 168 5.54 3.41 -15.75
CA VAL A 168 5.61 3.39 -15.72
C VAL A 168 5.36 4.86 -16.22
C VAL A 168 5.58 4.87 -16.07
N LYS A 169 4.75 5.64 -15.34
CA LYS A 169 4.52 7.08 -15.53
C LYS A 169 5.18 7.85 -14.37
N ASN A 170 5.35 9.16 -14.56
CA ASN A 170 5.98 9.95 -13.52
C ASN A 170 5.09 10.10 -12.28
N SER A 171 3.84 9.70 -12.34
CA SER A 171 2.88 9.66 -11.20
C SER A 171 3.04 8.37 -10.38
N MET A 172 4.10 7.62 -10.63
CA MET A 172 4.36 6.37 -9.93
C MET A 172 5.76 6.41 -9.30
N VAL A 173 5.96 5.58 -8.31
CA VAL A 173 7.28 5.30 -7.70
C VAL A 173 7.59 3.85 -8.00
N CYS A 174 8.82 3.56 -8.37
CA CYS A 174 9.30 2.18 -8.48
C CYS A 174 10.22 1.91 -7.27
N ALA A 175 10.17 0.73 -6.73
CA ALA A 175 11.11 0.31 -5.69
C ALA A 175 11.43 -1.14 -5.81
N GLY A 176 12.68 -1.49 -5.51
CA GLY A 176 13.08 -2.89 -5.53
C GLY A 176 13.67 -3.29 -6.85
N GLY A 177 13.25 -4.46 -7.34
CA GLY A 177 13.72 -5.02 -8.62
C GLY A 177 14.97 -5.87 -8.47
N ASP A 178 15.34 -6.31 -7.28
CA ASP A 178 16.56 -7.13 -7.09
C ASP A 178 16.36 -8.62 -7.39
N GLY A 179 15.14 -9.05 -7.71
CA GLY A 179 14.79 -10.44 -7.96
C GLY A 179 14.56 -11.29 -6.73
N VAL A 180 14.73 -10.72 -5.54
CA VAL A 180 14.59 -11.45 -4.27
C VAL A 180 13.44 -10.88 -3.45
N ARG A 181 13.38 -9.56 -3.35
CA ARG A 181 12.39 -8.86 -2.49
C ARG A 181 11.39 -8.11 -3.34
N SER A 182 10.11 -8.17 -2.98
N SER A 182 10.12 -8.14 -2.95
CA SER A 182 9.07 -7.44 -3.76
CA SER A 182 9.07 -7.49 -3.76
C SER A 182 7.77 -7.40 -2.97
C SER A 182 7.76 -7.41 -3.00
N GLY A 183 6.89 -6.54 -3.47
CA GLY A 183 5.47 -6.73 -3.18
C GLY A 183 4.91 -7.88 -3.99
N CYS A 184 3.72 -8.30 -3.61
CA CYS A 184 3.04 -9.37 -4.32
C CYS A 184 1.54 -9.25 -4.11
N GLN A 185 0.74 -10.12 -4.74
CA GLN A 185 -0.73 -9.97 -4.60
C GLN A 185 -1.13 -9.97 -3.13
N GLY A 186 -2.07 -9.12 -2.77
CA GLY A 186 -2.50 -8.93 -1.40
C GLY A 186 -1.75 -7.85 -0.66
N ASP A 187 -0.65 -7.33 -1.22
CA ASP A 187 0.03 -6.13 -0.69
C ASP A 187 -0.57 -4.86 -1.28
N SER A 188 -1.23 -4.96 -2.45
CA SER A 188 -1.84 -3.84 -3.13
C SER A 188 -2.57 -2.95 -2.17
N GLY A 189 -2.45 -1.64 -2.39
CA GLY A 189 -3.15 -0.66 -1.57
C GLY A 189 -2.39 -0.22 -0.33
N GLY A 190 -1.41 -1.02 0.06
CA GLY A 190 -0.63 -0.71 1.27
C GLY A 190 0.45 0.32 1.01
N PRO A 191 1.16 0.67 2.08
CA PRO A 191 2.18 1.70 2.04
C PRO A 191 3.55 1.26 1.56
N LEU A 192 4.26 2.24 0.99
CA LEU A 192 5.72 2.24 0.90
C LEU A 192 6.16 3.32 1.86
N HIS A 193 6.89 2.95 2.91
CA HIS A 193 7.36 3.88 3.94
C HIS A 193 8.78 4.27 3.61
N CYS A 194 9.05 5.55 3.49
CA CYS A 194 10.40 6.01 3.12
C CYS A 194 10.89 7.02 4.17
N LEU A 195 12.17 6.89 4.53
CA LEU A 195 12.78 7.70 5.55
C LEU A 195 13.25 9.02 4.95
N VAL A 196 12.65 10.08 5.38
CA VAL A 196 12.95 11.45 4.91
C VAL A 196 13.06 12.38 6.12
N ASN A 197 14.18 13.06 6.26
CA ASN A 197 14.44 14.02 7.38
C ASN A 197 14.10 13.37 8.71
N GLY A 198 14.53 12.10 8.86
CA GLY A 198 14.42 11.37 10.13
C GLY A 198 13.10 10.73 10.41
N GLN A 199 12.11 10.91 9.53
CA GLN A 199 10.75 10.44 9.77
C GLN A 199 10.31 9.52 8.64
N TYR A 200 9.61 8.46 8.95
CA TYR A 200 9.02 7.61 7.89
C TYR A 200 7.75 8.30 7.43
N ALA A 201 7.62 8.44 6.13
CA ALA A 201 6.40 8.97 5.51
C ALA A 201 5.97 7.99 4.42
N VAL A 202 4.71 8.04 4.11
CA VAL A 202 4.11 7.10 3.14
C VAL A 202 4.15 7.73 1.76
N HIS A 203 5.12 7.30 0.97
CA HIS A 203 5.37 7.86 -0.38
C HIS A 203 4.66 7.07 -1.45
N GLY A 204 4.24 5.83 -1.21
CA GLY A 204 3.63 5.00 -2.25
C GLY A 204 2.42 4.23 -1.74
N VAL A 205 1.53 3.97 -2.69
CA VAL A 205 0.43 3.04 -2.53
C VAL A 205 0.70 1.88 -3.48
N THR A 206 0.83 0.66 -2.97
CA THR A 206 1.24 -0.49 -3.84
C THR A 206 0.19 -0.66 -4.96
N SER A 207 0.64 -0.69 -6.20
CA SER A 207 -0.25 -0.77 -7.35
C SER A 207 -0.09 -2.05 -8.17
N PHE A 208 1.09 -2.38 -8.64
CA PHE A 208 1.20 -3.55 -9.51
C PHE A 208 2.61 -4.10 -9.50
N VAL A 209 2.68 -5.38 -9.86
CA VAL A 209 3.92 -6.12 -10.16
C VAL A 209 3.80 -6.75 -11.55
N SER A 210 4.86 -7.36 -12.00
CA SER A 210 4.86 -8.01 -13.33
C SER A 210 3.90 -9.16 -13.43
N ARG A 211 3.38 -9.36 -14.64
CA ARG A 211 2.55 -10.56 -14.96
C ARG A 211 3.45 -11.79 -14.87
N LEU A 212 4.76 -11.62 -14.96
CA LEU A 212 5.68 -12.81 -15.00
C LEU A 212 5.96 -13.28 -13.59
N GLY A 213 5.63 -12.47 -12.57
CA GLY A 213 5.85 -12.86 -11.17
C GLY A 213 6.11 -11.66 -10.29
N CYS A 214 6.14 -11.92 -8.98
CA CYS A 214 6.28 -10.81 -8.05
C CYS A 214 7.72 -10.29 -8.01
N ASN A 215 8.65 -11.17 -7.69
CA ASN A 215 10.09 -10.88 -7.59
C ASN A 215 10.79 -11.25 -8.88
N VAL A 216 10.95 -10.25 -9.73
CA VAL A 216 11.52 -10.37 -11.09
C VAL A 216 12.58 -9.30 -11.21
N THR A 217 13.78 -9.73 -11.58
CA THR A 217 14.92 -8.80 -11.70
C THR A 217 14.55 -7.74 -12.73
N ARG A 218 14.77 -6.48 -12.35
CA ARG A 218 14.53 -5.26 -13.18
C ARG A 218 13.04 -5.10 -13.47
N LYS A 219 12.16 -5.69 -12.65
CA LYS A 219 10.74 -5.28 -12.66
C LYS A 219 10.37 -4.94 -11.23
N PRO A 220 10.79 -3.76 -10.77
CA PRO A 220 10.47 -3.27 -9.46
C PRO A 220 8.99 -3.26 -9.23
N THR A 221 8.66 -3.34 -7.96
CA THR A 221 7.26 -3.10 -7.55
C THR A 221 6.88 -1.65 -7.89
N VAL A 222 5.67 -1.41 -8.36
CA VAL A 222 5.22 -0.09 -8.78
C VAL A 222 4.12 0.40 -7.84
N PHE A 223 4.26 1.62 -7.41
CA PHE A 223 3.37 2.28 -6.47
C PHE A 223 2.80 3.55 -7.07
N THR A 224 1.59 3.91 -6.70
CA THR A 224 1.08 5.24 -6.94
C THR A 224 1.92 6.22 -6.12
N ARG A 225 2.39 7.31 -6.74
CA ARG A 225 3.19 8.31 -6.03
C ARG A 225 2.24 9.22 -5.23
N VAL A 226 2.21 9.05 -3.91
CA VAL A 226 1.25 9.78 -3.06
C VAL A 226 1.45 11.30 -3.24
N SER A 227 2.70 11.76 -3.38
CA SER A 227 2.93 13.21 -3.48
C SER A 227 2.30 13.86 -4.71
N ALA A 228 1.90 13.10 -5.71
CA ALA A 228 1.18 13.61 -6.90
C ALA A 228 -0.27 13.89 -6.56
N TYR A 229 -0.79 13.44 -5.42
CA TYR A 229 -2.26 13.42 -5.17
C TYR A 229 -2.65 14.15 -3.92
N ILE A 230 -1.72 14.92 -3.32
CA ILE A 230 -1.99 15.63 -2.05
C ILE A 230 -3.19 16.56 -2.18
N SER A 231 -3.26 17.37 -3.23
N SER A 231 -3.27 17.36 -3.23
CA SER A 231 -4.38 18.30 -3.44
CA SER A 231 -4.40 18.31 -3.38
C SER A 231 -5.69 17.51 -3.50
C SER A 231 -5.71 17.51 -3.51
N TRP A 232 -5.73 16.42 -4.26
CA TRP A 232 -6.91 15.58 -4.42
C TRP A 232 -7.33 15.03 -3.07
N ILE A 233 -6.38 14.44 -2.32
CA ILE A 233 -6.71 13.83 -1.01
C ILE A 233 -7.33 14.90 -0.13
N ASN A 234 -6.67 16.04 -0.05
CA ASN A 234 -7.11 17.14 0.87
C ASN A 234 -8.52 17.62 0.46
N ASN A 235 -8.76 17.71 -0.84
CA ASN A 235 -10.09 18.15 -1.35
C ASN A 235 -11.18 17.14 -1.01
N VAL A 236 -10.90 15.85 -1.14
CA VAL A 236 -11.90 14.82 -0.80
C VAL A 236 -12.28 14.91 0.68
N ILE A 237 -11.28 14.91 1.52
CA ILE A 237 -11.53 14.91 2.97
C ILE A 237 -12.28 16.16 3.36
N ALA A 238 -11.90 17.31 2.81
CA ALA A 238 -12.56 18.61 3.16
C ALA A 238 -14.03 18.64 2.71
N SER A 239 -14.46 17.86 1.69
CA SER A 239 -15.82 17.97 1.11
C SER A 239 -16.71 16.76 1.48
N ASN A 240 -16.22 15.87 2.36
CA ASN A 240 -16.96 14.64 2.77
C ASN A 240 -16.84 14.46 4.28
CA CA B . -5.10 -10.55 14.78
S SO4 C . 3.70 16.54 -9.20
O1 SO4 C . 3.84 15.63 -10.34
O2 SO4 C . 3.83 15.87 -7.98
O3 SO4 C . 4.67 17.63 -9.32
O4 SO4 C . 2.36 17.13 -9.23
S SO3 D . -4.04 -7.59 -5.84
O1 SO3 D . -3.25 -7.32 -7.14
O2 SO3 D . -3.12 -7.36 -4.74
O3 SO3 D . -4.93 -6.51 -5.80
#